data_7JU8
#
_entry.id   7JU8
#
_cell.length_a   135.764
_cell.length_b   35.987
_cell.length_c   95.724
_cell.angle_alpha   90.000
_cell.angle_beta   130.550
_cell.angle_gamma   90.000
#
_symmetry.space_group_name_H-M   'C 1 2 1'
#
loop_
_entity.id
_entity.type
_entity.pdbx_description
1 polymer 'Collagenase 3'
2 non-polymer 'ZINC ION'
3 non-polymer 'CALCIUM ION'
4 non-polymer 4-(1,2,3-thiadiazol-4-yl)pyridine
5 non-polymer 'FORMIC ACID'
6 non-polymer 'TRIETHYLENE GLYCOL'
7 non-polymer 'TETRAETHYLENE GLYCOL'
8 water water
#
_entity_poly.entity_id   1
_entity_poly.type   'polypeptide(L)'
_entity_poly.pdbx_seq_one_letter_code
;YNVFPRTLKWSKMNLTYRIVNYTPDMTHSEVEKAFKKAFKVWSDVTPLNFTRLHDGIADIMISFGIKEHGDFYPFDGPSG
LLAHAFPPGPNYGGDAHFDDDETWTSSSKGYNLFLVAAHEFGHSLGLDHSKDPGALMFPIYTYTGKSHFMLPDDDVQGIQ
SLYGPGDEDPN
;
_entity_poly.pdbx_strand_id   A,B
#
# COMPACT_ATOMS: atom_id res chain seq x y z
N TYR A 1 -19.45 -4.78 -6.52
CA TYR A 1 -18.51 -3.88 -5.79
C TYR A 1 -17.47 -4.67 -5.00
N ASN A 2 -16.47 -3.96 -4.48
CA ASN A 2 -15.48 -4.52 -3.55
C ASN A 2 -15.00 -3.46 -2.59
N VAL A 3 -15.19 -3.72 -1.28
CA VAL A 3 -14.62 -2.89 -0.22
C VAL A 3 -13.20 -3.37 0.11
N PHE A 4 -12.44 -2.56 0.84
CA PHE A 4 -11.06 -2.94 1.20
C PHE A 4 -11.05 -4.05 2.25
N PRO A 5 -10.16 -5.05 2.09
CA PRO A 5 -10.03 -6.17 3.04
C PRO A 5 -9.75 -5.77 4.49
N ARG A 6 -9.99 -6.70 5.41
CA ARG A 6 -9.76 -6.48 6.85
C ARG A 6 -8.33 -6.10 7.19
N THR A 7 -7.37 -6.83 6.61
CA THR A 7 -5.96 -6.66 6.93
C THR A 7 -5.19 -6.44 5.65
N LEU A 8 -3.99 -5.85 5.77
CA LEU A 8 -3.04 -5.80 4.67
C LEU A 8 -2.55 -7.22 4.41
N LYS A 9 -2.84 -7.73 3.21
CA LYS A 9 -2.25 -8.98 2.77
C LYS A 9 -2.28 -9.04 1.26
N TRP A 10 -1.50 -9.97 0.71
CA TRP A 10 -1.48 -10.20 -0.71
C TRP A 10 -2.76 -10.92 -1.12
N SER A 11 -3.40 -10.43 -2.17
CA SER A 11 -4.63 -11.02 -2.69
C SER A 11 -4.36 -12.17 -3.67
N LYS A 12 -3.10 -12.57 -3.81
CA LYS A 12 -2.71 -13.68 -4.66
C LYS A 12 -1.78 -14.60 -3.87
N MET A 13 -1.80 -15.90 -4.16
CA MET A 13 -0.90 -16.85 -3.49
C MET A 13 0.47 -16.92 -4.12
N ASN A 14 0.57 -16.55 -5.40
CA ASN A 14 1.83 -16.57 -6.11
C ASN A 14 2.53 -15.23 -5.99
N LEU A 15 3.69 -15.25 -5.32
CA LEU A 15 4.51 -14.06 -5.11
C LEU A 15 5.86 -14.21 -5.77
N THR A 16 6.37 -13.10 -6.30
CA THR A 16 7.70 -13.07 -6.87
C THR A 16 8.63 -12.25 -5.99
N TYR A 17 9.92 -12.53 -6.10
CA TYR A 17 10.95 -11.69 -5.48
C TYR A 17 12.16 -11.52 -6.39
N ARG A 18 12.90 -10.45 -6.12
CA ARG A 18 14.12 -10.12 -6.84
C ARG A 18 15.16 -9.62 -5.85
N ILE A 19 16.36 -10.22 -5.91
CA ILE A 19 17.54 -9.75 -5.20
C ILE A 19 18.21 -8.72 -6.13
N VAL A 20 18.04 -7.45 -5.79
CA VAL A 20 18.42 -6.34 -6.66
C VAL A 20 19.92 -6.11 -6.62
N ASN A 21 20.51 -6.26 -5.43
CA ASN A 21 21.95 -6.22 -5.27
C ASN A 21 22.41 -7.08 -4.09
N TYR A 22 23.73 -7.15 -3.90
CA TYR A 22 24.32 -8.06 -2.92
C TYR A 22 25.29 -7.39 -1.94
N THR A 23 25.23 -7.84 -0.69
CA THR A 23 26.17 -7.40 0.34
C THR A 23 27.58 -7.89 0.00
N PRO A 24 28.62 -7.10 0.37
CA PRO A 24 30.02 -7.55 0.26
C PRO A 24 30.38 -8.72 1.19
N ASP A 25 29.62 -8.87 2.28
CA ASP A 25 29.95 -9.78 3.37
C ASP A 25 29.83 -11.27 3.05
N MET A 26 29.04 -11.63 2.03
CA MET A 26 28.77 -13.03 1.74
C MET A 26 28.83 -13.27 0.25
N THR A 27 28.97 -14.52 -0.17
CA THR A 27 28.99 -14.85 -1.61
C THR A 27 27.58 -14.74 -2.16
N HIS A 28 27.43 -14.59 -3.47
CA HIS A 28 26.09 -14.57 -4.09
C HIS A 28 25.26 -15.79 -3.72
N SER A 29 25.92 -16.96 -3.69
CA SER A 29 25.23 -18.23 -3.43
CA SER A 29 25.23 -18.22 -3.44
C SER A 29 24.70 -18.32 -2.00
N GLU A 30 25.48 -17.82 -1.05
CA GLU A 30 25.09 -17.75 0.37
C GLU A 30 23.87 -16.86 0.58
N VAL A 31 23.84 -15.73 -0.11
CA VAL A 31 22.72 -14.78 -0.04
C VAL A 31 21.46 -15.38 -0.62
N GLU A 32 21.61 -15.97 -1.81
CA GLU A 32 20.50 -16.60 -2.50
C GLU A 32 19.94 -17.75 -1.66
N LYS A 33 20.82 -18.54 -1.07
CA LYS A 33 20.39 -19.65 -0.22
C LYS A 33 19.65 -19.20 1.03
N ALA A 34 20.16 -18.17 1.68
CA ALA A 34 19.55 -17.63 2.88
C ALA A 34 18.15 -17.07 2.61
N PHE A 35 17.99 -16.37 1.48
CA PHE A 35 16.67 -15.81 1.14
C PHE A 35 15.69 -16.91 0.73
N LYS A 36 16.15 -17.87 -0.05
CA LYS A 36 15.32 -19.04 -0.43
C LYS A 36 14.77 -19.74 0.81
N LYS A 37 15.65 -19.97 1.78
CA LYS A 37 15.25 -20.68 2.97
C LYS A 37 14.33 -19.82 3.83
N ALA A 38 14.57 -18.51 3.87
CA ALA A 38 13.74 -17.58 4.62
C ALA A 38 12.32 -17.52 4.06
N PHE A 39 12.20 -17.62 2.74
CA PHE A 39 10.88 -17.68 2.10
C PHE A 39 10.19 -19.00 2.36
N LYS A 40 10.97 -20.07 2.39
CA LYS A 40 10.47 -21.42 2.63
C LYS A 40 9.83 -21.54 4.02
N VAL A 41 10.40 -20.83 4.99
CA VAL A 41 9.78 -20.71 6.32
C VAL A 41 8.28 -20.42 6.25
N TRP A 42 7.89 -19.48 5.38
CA TRP A 42 6.49 -19.05 5.28
C TRP A 42 5.64 -19.91 4.34
N SER A 43 6.22 -20.30 3.21
CA SER A 43 5.52 -21.12 2.23
C SER A 43 5.22 -22.52 2.77
N ASP A 44 6.06 -23.01 3.69
CA ASP A 44 5.87 -24.32 4.31
C ASP A 44 4.63 -24.40 5.22
N VAL A 45 4.13 -23.24 5.67
CA VAL A 45 2.99 -23.22 6.58
C VAL A 45 1.77 -22.51 6.00
N THR A 46 1.80 -22.25 4.69
CA THR A 46 0.77 -21.49 4.00
C THR A 46 0.61 -22.07 2.59
N PRO A 47 -0.34 -21.56 1.82
CA PRO A 47 -0.41 -21.91 0.40
C PRO A 47 0.43 -21.02 -0.53
N LEU A 48 1.23 -20.13 0.05
CA LEU A 48 2.08 -19.21 -0.69
C LEU A 48 3.20 -19.89 -1.48
N ASN A 49 3.41 -19.39 -2.70
CA ASN A 49 4.49 -19.79 -3.57
C ASN A 49 5.36 -18.57 -3.84
N PHE A 50 6.67 -18.79 -3.83
CA PHE A 50 7.62 -17.72 -4.09
C PHE A 50 8.51 -18.05 -5.27
N THR A 51 8.45 -17.19 -6.29
CA THR A 51 9.28 -17.34 -7.47
CA THR A 51 9.28 -17.33 -7.48
C THR A 51 10.25 -16.17 -7.55
N ARG A 52 11.51 -16.50 -7.80
CA ARG A 52 12.56 -15.52 -7.98
C ARG A 52 12.61 -15.00 -9.43
N LEU A 53 12.72 -13.68 -9.55
CA LEU A 53 13.01 -13.00 -10.80
C LEU A 53 14.43 -12.49 -10.76
N HIS A 54 15.09 -12.49 -11.90
CA HIS A 54 16.45 -11.99 -12.00
C HIS A 54 16.49 -10.53 -12.42
N ASP A 55 15.40 -10.05 -13.02
CA ASP A 55 15.26 -8.65 -13.41
C ASP A 55 13.82 -8.21 -13.16
N GLY A 56 13.53 -6.95 -13.50
CA GLY A 56 12.15 -6.47 -13.57
C GLY A 56 11.52 -6.18 -12.23
N ILE A 57 10.21 -6.03 -12.23
CA ILE A 57 9.47 -5.63 -11.03
C ILE A 57 8.92 -6.86 -10.31
N ALA A 58 9.29 -7.01 -9.05
CA ALA A 58 8.82 -8.11 -8.21
C ALA A 58 7.96 -7.57 -7.09
N ASP A 59 7.18 -8.46 -6.50
CA ASP A 59 6.30 -8.14 -5.40
C ASP A 59 7.17 -7.74 -4.23
N ILE A 60 8.18 -8.54 -3.97
CA ILE A 60 9.13 -8.30 -2.91
C ILE A 60 10.52 -8.02 -3.54
N MET A 61 10.87 -6.74 -3.63
CA MET A 61 12.19 -6.33 -4.09
C MET A 61 13.15 -6.25 -2.90
N ILE A 62 14.25 -6.97 -2.99
CA ILE A 62 15.25 -7.07 -1.93
C ILE A 62 16.50 -6.31 -2.31
N SER A 63 16.95 -5.42 -1.42
CA SER A 63 18.20 -4.69 -1.64
C SER A 63 18.96 -4.41 -0.34
N PHE A 64 20.28 -4.29 -0.50
CA PHE A 64 21.19 -3.84 0.53
C PHE A 64 21.58 -2.39 0.21
N GLY A 65 21.50 -1.55 1.22
CA GLY A 65 21.81 -0.15 1.05
C GLY A 65 22.23 0.46 2.36
N ILE A 66 22.67 1.70 2.31
CA ILE A 66 23.10 2.43 3.50
C ILE A 66 22.43 3.78 3.52
N LYS A 67 22.43 4.41 4.69
CA LYS A 67 21.92 5.76 4.88
C LYS A 67 20.61 6.02 4.12
N GLU A 68 20.53 7.11 3.38
CA GLU A 68 19.39 7.42 2.55
C GLU A 68 19.46 6.54 1.33
N HIS A 69 18.40 5.77 1.09
CA HIS A 69 18.40 4.78 0.01
C HIS A 69 17.08 4.75 -0.79
N GLY A 70 16.28 5.81 -0.66
CA GLY A 70 15.08 5.99 -1.51
C GLY A 70 13.74 5.77 -0.83
N ASP A 71 13.63 6.14 0.44
CA ASP A 71 12.40 6.01 1.21
C ASP A 71 12.53 6.86 2.49
N PHE A 72 11.50 6.83 3.36
CA PHE A 72 11.51 7.65 4.59
C PHE A 72 12.10 6.94 5.81
N TYR A 73 12.84 5.87 5.59
CA TYR A 73 13.42 5.08 6.68
C TYR A 73 14.92 4.91 6.47
N PRO A 74 15.66 6.04 6.40
CA PRO A 74 17.10 5.95 6.18
C PRO A 74 17.84 5.22 7.28
N PHE A 75 18.91 4.52 6.91
CA PHE A 75 19.70 3.74 7.85
C PHE A 75 20.68 4.65 8.57
N ASP A 76 21.30 4.11 9.61
CA ASP A 76 22.07 4.94 10.55
C ASP A 76 23.56 4.61 10.59
N GLY A 77 24.08 3.98 9.54
CA GLY A 77 25.48 3.54 9.56
C GLY A 77 25.61 2.30 10.44
N PRO A 78 26.82 2.05 10.98
CA PRO A 78 26.99 0.78 11.69
C PRO A 78 26.28 0.81 13.04
N SER A 79 25.69 -0.33 13.40
CA SER A 79 24.88 -0.47 14.62
C SER A 79 23.50 0.15 14.42
N GLY A 80 22.69 0.14 15.47
CA GLY A 80 21.35 0.75 15.44
C GLY A 80 20.46 0.01 14.45
N LEU A 81 19.80 0.77 13.57
CA LEU A 81 18.93 0.19 12.52
C LEU A 81 19.66 -0.86 11.69
N LEU A 82 18.89 -1.81 11.18
CA LEU A 82 19.40 -3.13 10.78
C LEU A 82 18.77 -3.58 9.45
N ALA A 83 17.45 -3.60 9.41
CA ALA A 83 16.71 -3.88 8.19
C ALA A 83 15.27 -3.52 8.45
N HIS A 84 14.51 -3.32 7.37
CA HIS A 84 13.08 -3.10 7.46
C HIS A 84 12.39 -3.56 6.19
N ALA A 85 11.09 -3.80 6.27
CA ALA A 85 10.28 -4.21 5.11
C ALA A 85 8.92 -3.55 5.16
N PHE A 86 8.29 -3.45 4.00
CA PHE A 86 7.01 -2.80 3.87
C PHE A 86 5.87 -3.81 3.79
N PRO A 87 4.76 -3.52 4.46
CA PRO A 87 3.58 -4.36 4.34
C PRO A 87 3.09 -4.46 2.90
N PRO A 88 2.30 -5.51 2.59
CA PRO A 88 1.74 -5.65 1.26
C PRO A 88 0.98 -4.39 0.87
N GLY A 89 1.11 -4.01 -0.39
CA GLY A 89 0.50 -2.78 -0.88
C GLY A 89 1.14 -2.41 -2.19
N PRO A 90 0.65 -1.34 -2.83
CA PRO A 90 1.20 -0.93 -4.14
C PRO A 90 2.65 -0.47 -4.09
N ASN A 91 3.28 -0.52 -5.26
CA ASN A 91 4.64 0.01 -5.46
CA ASN A 91 4.65 -0.03 -5.48
C ASN A 91 5.71 -0.68 -4.60
N TYR A 92 6.15 0.00 -3.54
CA TYR A 92 7.19 -0.48 -2.63
C TYR A 92 6.68 -1.47 -1.57
N GLY A 93 5.36 -1.66 -1.51
CA GLY A 93 4.77 -2.68 -0.65
C GLY A 93 5.45 -4.01 -0.86
N GLY A 94 5.73 -4.73 0.23
CA GLY A 94 6.44 -6.01 0.19
C GLY A 94 7.96 -5.94 0.18
N ASP A 95 8.52 -4.78 -0.15
CA ASP A 95 9.95 -4.65 -0.32
C ASP A 95 10.70 -4.74 1.01
N ALA A 96 11.94 -5.23 0.94
CA ALA A 96 12.73 -5.51 2.14
C ALA A 96 14.14 -4.94 1.98
N HIS A 97 14.57 -4.10 2.92
CA HIS A 97 15.84 -3.38 2.81
C HIS A 97 16.76 -3.76 3.95
N PHE A 98 18.03 -4.03 3.64
CA PHE A 98 19.01 -4.43 4.63
C PHE A 98 20.15 -3.43 4.69
N ASP A 99 20.52 -3.05 5.91
CA ASP A 99 21.53 -2.03 6.11
C ASP A 99 22.91 -2.64 5.86
N ASP A 100 23.61 -2.15 4.83
CA ASP A 100 24.91 -2.72 4.48
C ASP A 100 26.07 -2.07 5.24
N ASP A 101 25.74 -1.35 6.31
CA ASP A 101 26.69 -0.97 7.35
C ASP A 101 26.67 -1.94 8.55
N GLU A 102 25.75 -2.91 8.54
CA GLU A 102 25.82 -4.05 9.44
C GLU A 102 26.66 -5.15 8.80
N THR A 103 27.04 -6.15 9.57
CA THR A 103 27.70 -7.34 9.02
C THR A 103 26.69 -8.50 8.92
N TRP A 104 26.64 -9.10 7.74
CA TRP A 104 25.67 -10.13 7.39
C TRP A 104 26.41 -11.44 7.24
N THR A 105 25.86 -12.50 7.80
CA THR A 105 26.53 -13.79 7.88
C THR A 105 25.61 -14.96 7.66
N SER A 106 26.23 -16.13 7.51
CA SER A 106 25.53 -17.40 7.53
C SER A 106 26.05 -18.18 8.74
N SER A 107 26.28 -17.45 9.83
CA SER A 107 26.81 -18.05 11.04
C SER A 107 26.14 -17.38 12.26
N SER A 108 26.65 -17.70 13.44
CA SER A 108 26.26 -17.05 14.68
C SER A 108 26.87 -15.66 14.84
N LYS A 109 27.76 -15.29 13.94
CA LYS A 109 28.44 -14.00 14.01
C LYS A 109 27.62 -12.93 13.32
N GLY A 110 27.80 -11.68 13.76
CA GLY A 110 27.12 -10.54 13.15
C GLY A 110 25.62 -10.72 13.23
N TYR A 111 24.96 -10.48 12.10
CA TYR A 111 23.54 -10.79 11.97
C TYR A 111 23.38 -11.87 10.93
N ASN A 112 22.79 -12.98 11.32
CA ASN A 112 22.43 -14.05 10.41
C ASN A 112 21.42 -13.52 9.38
N LEU A 113 21.80 -13.58 8.10
CA LEU A 113 20.95 -13.03 7.06
C LEU A 113 19.65 -13.81 6.97
N PHE A 114 19.72 -15.13 7.10
CA PHE A 114 18.52 -15.98 7.03
C PHE A 114 17.49 -15.61 8.09
N LEU A 115 17.93 -15.48 9.33
CA LEU A 115 17.01 -15.18 10.43
C LEU A 115 16.35 -13.81 10.26
N VAL A 116 17.15 -12.80 9.92
CA VAL A 116 16.66 -11.44 9.71
C VAL A 116 15.76 -11.35 8.47
N ALA A 117 16.13 -12.05 7.39
CA ALA A 117 15.28 -12.12 6.20
C ALA A 117 13.93 -12.80 6.48
N ALA A 118 13.98 -13.91 7.19
CA ALA A 118 12.78 -14.60 7.60
C ALA A 118 11.86 -13.67 8.39
N HIS A 119 12.42 -12.88 9.30
CA HIS A 119 11.69 -11.87 10.05
C HIS A 119 11.15 -10.76 9.14
N GLU A 120 12.03 -10.20 8.29
CA GLU A 120 11.62 -9.16 7.36
C GLU A 120 10.50 -9.63 6.41
N PHE A 121 10.64 -10.82 5.85
CA PHE A 121 9.62 -11.34 4.93
C PHE A 121 8.27 -11.55 5.63
N GLY A 122 8.27 -11.79 6.94
CA GLY A 122 7.03 -11.81 7.72
C GLY A 122 6.29 -10.49 7.62
N HIS A 123 7.05 -9.39 7.68
CA HIS A 123 6.51 -8.04 7.46
C HIS A 123 6.04 -7.85 6.02
N SER A 124 6.84 -8.31 5.06
CA SER A 124 6.48 -8.24 3.64
C SER A 124 5.14 -8.93 3.35
N LEU A 125 4.78 -9.89 4.20
CA LEU A 125 3.57 -10.71 4.01
C LEU A 125 2.37 -10.23 4.85
N GLY A 126 2.59 -9.32 5.80
CA GLY A 126 1.50 -8.73 6.58
C GLY A 126 1.57 -8.90 8.08
N LEU A 127 2.69 -9.39 8.60
CA LEU A 127 2.84 -9.55 10.05
C LEU A 127 3.59 -8.36 10.63
N ASP A 128 3.08 -7.84 11.74
CA ASP A 128 3.80 -6.84 12.50
C ASP A 128 4.52 -7.60 13.61
N HIS A 129 5.03 -6.89 14.61
CA HIS A 129 5.76 -7.52 15.70
C HIS A 129 4.86 -8.24 16.69
N SER A 130 5.42 -9.29 17.29
CA SER A 130 4.74 -10.09 18.31
C SER A 130 5.30 -9.72 19.68
N LYS A 131 4.53 -9.96 20.72
CA LYS A 131 5.02 -9.78 22.09
C LYS A 131 5.68 -11.04 22.62
N ASP A 132 5.52 -12.16 21.93
CA ASP A 132 6.13 -13.40 22.35
C ASP A 132 7.64 -13.34 22.08
N PRO A 133 8.46 -13.37 23.15
CA PRO A 133 9.91 -13.26 23.00
C PRO A 133 10.54 -14.39 22.21
N GLY A 134 9.86 -15.53 22.15
CA GLY A 134 10.31 -16.66 21.36
C GLY A 134 9.88 -16.61 19.91
N ALA A 135 8.92 -15.75 19.57
CA ALA A 135 8.43 -15.69 18.17
C ALA A 135 9.47 -15.08 17.20
N LEU A 136 9.41 -15.50 15.94
CA LEU A 136 10.29 -14.96 14.89
C LEU A 136 10.05 -13.46 14.70
N MET A 137 8.81 -13.03 14.91
CA MET A 137 8.41 -11.65 14.71
C MET A 137 8.54 -10.81 15.99
N PHE A 138 9.21 -11.31 17.01
CA PHE A 138 9.54 -10.47 18.18
C PHE A 138 10.46 -9.35 17.64
N PRO A 139 10.28 -8.09 18.09
CA PRO A 139 11.03 -7.01 17.42
C PRO A 139 12.56 -7.04 17.54
N ILE A 140 13.09 -7.79 18.49
CA ILE A 140 14.52 -7.76 18.80
C ILE A 140 15.23 -9.05 18.38
N TYR A 141 16.24 -8.91 17.52
CA TYR A 141 16.98 -10.05 16.98
C TYR A 141 17.72 -10.85 18.06
N THR A 142 17.57 -12.17 17.98
CA THR A 142 18.35 -13.12 18.76
C THR A 142 18.74 -14.25 17.82
N TYR A 143 19.93 -14.81 17.99
CA TYR A 143 20.37 -15.92 17.16
C TYR A 143 19.94 -17.28 17.72
N THR A 144 19.38 -18.10 16.83
CA THR A 144 19.02 -19.49 17.11
C THR A 144 19.62 -20.40 16.04
N GLY A 145 20.24 -21.49 16.47
CA GLY A 145 21.05 -22.34 15.59
C GLY A 145 20.32 -23.40 14.79
N LYS A 146 19.34 -24.07 15.41
CA LYS A 146 18.77 -25.30 14.86
C LYS A 146 18.21 -25.13 13.44
N PHE A 149 15.56 -25.15 11.58
CA PHE A 149 14.77 -24.05 12.15
C PHE A 149 13.32 -24.49 12.25
N MET A 150 12.68 -24.16 13.37
CA MET A 150 11.27 -24.44 13.57
C MET A 150 10.54 -23.13 13.80
N LEU A 151 9.68 -22.74 12.86
CA LEU A 151 8.87 -21.54 13.02
C LEU A 151 8.00 -21.68 14.28
N PRO A 152 8.19 -20.77 15.25
CA PRO A 152 7.37 -20.78 16.46
C PRO A 152 5.87 -20.67 16.19
N ASP A 153 5.07 -21.24 17.09
N ASP A 153 5.09 -21.28 17.10
CA ASP A 153 3.63 -21.33 16.88
CA ASP A 153 3.62 -21.33 17.01
C ASP A 153 2.94 -19.97 16.79
C ASP A 153 2.99 -19.96 16.76
N ASP A 154 3.44 -18.96 17.52
CA ASP A 154 2.87 -17.61 17.42
C ASP A 154 2.93 -17.08 15.99
N ASP A 155 4.00 -17.39 15.29
CA ASP A 155 4.20 -16.98 13.90
C ASP A 155 3.38 -17.81 12.92
N VAL A 156 3.31 -19.13 13.17
CA VAL A 156 2.44 -20.03 12.36
C VAL A 156 0.97 -19.58 12.43
N GLN A 157 0.46 -19.37 13.63
CA GLN A 157 -0.88 -18.83 13.81
C GLN A 157 -1.09 -17.45 13.15
N GLY A 158 -0.06 -16.60 13.20
CA GLY A 158 -0.16 -15.26 12.65
C GLY A 158 -0.29 -15.30 11.15
N ILE A 159 0.60 -16.05 10.51
CA ILE A 159 0.65 -16.06 9.06
C ILE A 159 -0.56 -16.82 8.49
N GLN A 160 -1.01 -17.85 9.21
CA GLN A 160 -2.15 -18.66 8.78
C GLN A 160 -3.47 -17.91 8.94
N SER A 161 -3.53 -16.98 9.89
CA SER A 161 -4.70 -16.09 10.03
C SER A 161 -4.88 -15.25 8.77
N LEU A 162 -3.78 -14.95 8.10
CA LEU A 162 -3.80 -14.19 6.86
C LEU A 162 -4.03 -15.04 5.61
N TYR A 163 -3.30 -16.16 5.50
CA TYR A 163 -3.29 -16.93 4.24
C TYR A 163 -3.83 -18.35 4.33
N GLY A 164 -4.22 -18.79 5.51
CA GLY A 164 -4.59 -20.18 5.74
C GLY A 164 -3.38 -21.08 5.79
N PRO A 165 -3.59 -22.36 6.14
CA PRO A 165 -2.49 -23.28 6.33
C PRO A 165 -1.93 -23.92 5.06
N GLY A 166 -2.66 -23.85 3.95
CA GLY A 166 -2.30 -24.65 2.78
C GLY A 166 -2.36 -26.12 3.18
N ASP A 167 -1.48 -26.93 2.61
CA ASP A 167 -1.45 -28.36 2.93
C ASP A 167 -0.97 -28.55 4.36
N GLU A 168 -1.84 -29.08 5.21
CA GLU A 168 -1.51 -29.29 6.62
C GLU A 168 -0.63 -30.51 6.84
N ASP A 169 -0.40 -31.32 5.82
CA ASP A 169 0.52 -32.45 5.94
C ASP A 169 1.18 -32.78 4.60
N TYR B 1 0.72 -12.63 18.35
CA TYR B 1 1.16 -11.96 17.08
C TYR B 1 0.32 -10.72 16.77
N ASN B 2 0.76 -9.97 15.78
CA ASN B 2 0.00 -8.84 15.27
C ASN B 2 0.08 -8.83 13.74
N VAL B 3 -0.99 -8.34 13.13
CA VAL B 3 -1.06 -8.11 11.71
C VAL B 3 -1.22 -6.59 11.56
N PHE B 4 -1.43 -6.12 10.33
CA PHE B 4 -1.71 -4.72 10.04
C PHE B 4 -3.20 -4.58 9.68
N PRO B 5 -4.06 -4.30 10.68
CA PRO B 5 -5.49 -4.21 10.40
C PRO B 5 -5.85 -2.88 9.74
N ARG B 6 -6.67 -2.95 8.69
CA ARG B 6 -7.03 -1.78 7.91
C ARG B 6 -8.27 -1.12 8.50
N THR B 7 -8.25 0.22 8.61
CA THR B 7 -9.47 0.98 8.91
C THR B 7 -10.34 0.89 7.67
N LEU B 8 -11.52 0.29 7.83
CA LEU B 8 -12.36 -0.08 6.68
C LEU B 8 -13.34 1.02 6.30
N LYS B 9 -13.58 1.95 7.22
CA LYS B 9 -14.38 3.13 6.93
C LYS B 9 -14.12 4.20 7.97
N TRP B 10 -14.64 5.39 7.71
CA TRP B 10 -14.52 6.49 8.65
C TRP B 10 -15.47 6.22 9.81
N SER B 11 -15.01 6.51 11.03
CA SER B 11 -15.80 6.29 12.24
CA SER B 11 -15.80 6.30 12.24
C SER B 11 -16.70 7.48 12.54
N LYS B 12 -16.70 8.46 11.64
CA LYS B 12 -17.55 9.64 11.79
C LYS B 12 -18.15 10.00 10.43
N MET B 13 -19.28 10.68 10.45
CA MET B 13 -19.99 11.02 9.21
C MET B 13 -19.65 12.41 8.69
N ASN B 14 -19.16 13.28 9.57
CA ASN B 14 -18.81 14.65 9.19
C ASN B 14 -17.30 14.76 8.93
N LEU B 15 -16.96 14.77 7.65
CA LEU B 15 -15.56 14.82 7.23
C LEU B 15 -15.25 16.19 6.64
N THR B 16 -13.97 16.57 6.70
CA THR B 16 -13.49 17.82 6.11
C THR B 16 -12.57 17.54 4.94
N TYR B 17 -12.52 18.49 4.00
CA TYR B 17 -11.55 18.39 2.90
C TYR B 17 -10.92 19.73 2.56
N ARG B 18 -9.68 19.66 2.09
CA ARG B 18 -8.92 20.85 1.74
C ARG B 18 -8.31 20.69 0.35
N ILE B 19 -8.50 21.71 -0.48
CA ILE B 19 -7.81 21.84 -1.76
C ILE B 19 -6.54 22.61 -1.48
N VAL B 20 -5.42 21.88 -1.45
CA VAL B 20 -4.13 22.43 -1.05
C VAL B 20 -3.54 23.35 -2.11
N ASN B 21 -3.60 22.91 -3.37
CA ASN B 21 -3.12 23.69 -4.50
C ASN B 21 -3.99 23.41 -5.72
N TYR B 22 -3.70 24.09 -6.83
CA TYR B 22 -4.58 24.07 -7.99
C TYR B 22 -3.84 23.76 -9.27
N THR B 23 -4.51 23.06 -10.16
CA THR B 23 -3.94 22.77 -11.46
C THR B 23 -3.94 24.04 -12.36
N PRO B 24 -2.98 24.16 -13.29
CA PRO B 24 -2.97 25.26 -14.26
C PRO B 24 -4.10 25.19 -15.29
N ASP B 25 -4.65 23.98 -15.47
CA ASP B 25 -5.53 23.65 -16.59
C ASP B 25 -6.95 24.19 -16.43
N MET B 26 -7.35 24.51 -15.20
CA MET B 26 -8.69 24.97 -14.90
C MET B 26 -8.70 26.19 -13.99
N THR B 27 -9.85 26.85 -13.88
CA THR B 27 -9.99 27.95 -12.94
C THR B 27 -10.24 27.43 -11.54
N HIS B 28 -9.90 28.24 -10.56
CA HIS B 28 -10.17 27.92 -9.16
C HIS B 28 -11.63 27.44 -9.00
N SER B 29 -12.57 28.14 -9.63
CA SER B 29 -14.00 27.83 -9.50
C SER B 29 -14.36 26.50 -10.14
N GLU B 30 -13.92 26.29 -11.38
CA GLU B 30 -14.06 24.99 -12.04
C GLU B 30 -13.52 23.87 -11.15
N VAL B 31 -12.31 24.04 -10.62
CA VAL B 31 -11.71 23.04 -9.74
C VAL B 31 -12.56 22.86 -8.48
N GLU B 32 -12.93 23.97 -7.88
CA GLU B 32 -13.75 23.96 -6.67
C GLU B 32 -15.09 23.27 -6.87
N LYS B 33 -15.77 23.60 -7.97
CA LYS B 33 -17.05 22.97 -8.31
C LYS B 33 -16.92 21.50 -8.74
N ALA B 34 -15.78 21.12 -9.32
CA ALA B 34 -15.55 19.71 -9.62
C ALA B 34 -15.45 18.86 -8.35
N PHE B 35 -14.67 19.32 -7.39
CA PHE B 35 -14.51 18.56 -6.16
C PHE B 35 -15.82 18.54 -5.34
N LYS B 36 -16.55 19.65 -5.33
CA LYS B 36 -17.81 19.72 -4.57
C LYS B 36 -18.83 18.73 -5.12
N LYS B 37 -18.95 18.71 -6.45
CA LYS B 37 -19.83 17.80 -7.14
C LYS B 37 -19.41 16.35 -6.90
N ALA B 38 -18.10 16.10 -6.84
CA ALA B 38 -17.55 14.75 -6.63
C ALA B 38 -17.88 14.20 -5.25
N PHE B 39 -17.76 15.04 -4.22
CA PHE B 39 -18.17 14.63 -2.87
C PHE B 39 -19.68 14.45 -2.79
N LYS B 40 -20.43 15.24 -3.54
CA LYS B 40 -21.89 15.18 -3.49
C LYS B 40 -22.38 13.82 -3.96
N VAL B 41 -21.70 13.24 -4.93
CA VAL B 41 -22.00 11.89 -5.42
C VAL B 41 -22.22 10.94 -4.23
N TRP B 42 -21.33 11.03 -3.25
CA TRP B 42 -21.26 10.06 -2.16
C TRP B 42 -22.11 10.47 -0.97
N SER B 43 -22.24 11.77 -0.75
CA SER B 43 -23.07 12.28 0.34
C SER B 43 -24.56 12.14 0.02
N ASP B 44 -24.92 12.20 -1.26
CA ASP B 44 -26.32 12.07 -1.68
C ASP B 44 -26.89 10.68 -1.42
N VAL B 45 -26.03 9.67 -1.20
CA VAL B 45 -26.51 8.29 -1.01
C VAL B 45 -26.05 7.64 0.32
N THR B 46 -25.59 8.47 1.26
CA THR B 46 -25.15 8.02 2.57
C THR B 46 -25.38 9.12 3.58
N PRO B 47 -25.14 8.83 4.88
CA PRO B 47 -25.18 9.91 5.85
C PRO B 47 -23.89 10.76 5.90
N LEU B 48 -22.96 10.57 4.96
CA LEU B 48 -21.70 11.33 4.95
C LEU B 48 -21.94 12.80 4.61
N ASN B 49 -21.20 13.69 5.26
CA ASN B 49 -21.21 15.12 4.99
C ASN B 49 -19.79 15.63 4.82
N PHE B 50 -19.59 16.56 3.87
CA PHE B 50 -18.26 17.09 3.56
C PHE B 50 -18.26 18.60 3.61
N THR B 51 -17.37 19.16 4.42
CA THR B 51 -17.20 20.59 4.51
C THR B 51 -15.78 20.95 4.09
N ARG B 52 -15.66 22.01 3.32
CA ARG B 52 -14.39 22.48 2.80
C ARG B 52 -13.64 23.30 3.85
N LEU B 53 -12.35 23.03 4.00
CA LEU B 53 -11.46 23.83 4.82
C LEU B 53 -10.46 24.53 3.91
N HIS B 54 -10.07 25.75 4.28
CA HIS B 54 -9.10 26.52 3.52
C HIS B 54 -7.70 26.38 4.11
N ASP B 55 -7.64 26.12 5.40
CA ASP B 55 -6.38 26.07 6.12
C ASP B 55 -6.22 24.74 6.81
N GLY B 56 -4.98 24.44 7.19
CA GLY B 56 -4.66 23.36 8.10
C GLY B 56 -5.06 21.96 7.71
N ILE B 57 -5.18 21.12 8.74
CA ILE B 57 -5.40 19.70 8.55
C ILE B 57 -6.88 19.40 8.30
N ALA B 58 -7.16 18.73 7.18
CA ALA B 58 -8.49 18.23 6.88
C ALA B 58 -8.44 16.70 6.88
N ASP B 59 -9.59 16.06 6.98
CA ASP B 59 -9.63 14.59 6.88
C ASP B 59 -9.11 14.14 5.52
N ILE B 60 -9.54 14.84 4.48
CA ILE B 60 -9.11 14.59 3.12
C ILE B 60 -8.34 15.78 2.55
N MET B 61 -7.09 15.56 2.23
CA MET B 61 -6.24 16.60 1.68
C MET B 61 -6.07 16.33 0.19
N ILE B 62 -6.46 17.29 -0.63
CA ILE B 62 -6.43 17.18 -2.08
C ILE B 62 -5.31 18.07 -2.62
N SER B 63 -4.39 17.48 -3.41
CA SER B 63 -3.35 18.27 -4.08
CA SER B 63 -3.30 18.23 -4.04
C SER B 63 -3.04 17.73 -5.47
N PHE B 64 -2.44 18.58 -6.30
CA PHE B 64 -1.96 18.19 -7.62
C PHE B 64 -0.44 18.15 -7.56
N GLY B 65 0.15 17.06 -8.03
CA GLY B 65 1.60 16.89 -7.99
C GLY B 65 2.12 16.26 -9.26
N ILE B 66 3.43 16.22 -9.43
CA ILE B 66 4.04 15.52 -10.57
C ILE B 66 5.16 14.59 -10.11
N LYS B 67 5.48 13.61 -10.94
CA LYS B 67 6.54 12.64 -10.66
C LYS B 67 6.57 12.25 -9.16
N GLU B 68 7.73 12.36 -8.51
CA GLU B 68 7.81 12.12 -7.07
C GLU B 68 7.33 13.37 -6.34
N HIS B 69 6.33 13.20 -5.48
CA HIS B 69 5.61 14.32 -4.88
C HIS B 69 5.36 14.16 -3.38
N GLY B 70 6.17 13.33 -2.72
CA GLY B 70 6.26 13.35 -1.25
C GLY B 70 5.84 12.09 -0.52
N ASP B 71 5.30 11.11 -1.24
CA ASP B 71 4.83 9.86 -0.64
C ASP B 71 5.50 8.59 -1.18
N PHE B 72 6.50 8.76 -2.05
CA PHE B 72 7.16 7.65 -2.74
C PHE B 72 6.22 6.74 -3.57
N TYR B 73 5.10 7.32 -4.03
CA TYR B 73 4.25 6.68 -5.04
C TYR B 73 4.29 7.58 -6.28
N PRO B 74 5.43 7.59 -6.99
CA PRO B 74 5.63 8.59 -8.02
C PRO B 74 4.65 8.43 -9.19
N PHE B 75 4.20 9.56 -9.73
CA PHE B 75 3.46 9.57 -10.99
C PHE B 75 4.45 9.38 -12.12
N ASP B 76 3.96 9.11 -13.33
CA ASP B 76 4.82 8.82 -14.47
C ASP B 76 4.53 9.74 -15.66
N GLY B 77 4.50 11.06 -15.39
CA GLY B 77 4.21 12.05 -16.41
C GLY B 77 2.87 11.80 -17.10
N PRO B 78 2.74 12.25 -18.36
CA PRO B 78 1.56 11.92 -19.17
C PRO B 78 1.36 10.41 -19.34
N SER B 79 0.10 9.98 -19.40
CA SER B 79 -0.29 8.56 -19.46
C SER B 79 0.08 7.77 -18.21
N GLY B 80 -0.53 6.59 -18.10
CA GLY B 80 -0.39 5.73 -16.93
C GLY B 80 -1.43 6.04 -15.87
N LEU B 81 -0.99 6.17 -14.63
CA LEU B 81 -1.90 6.31 -13.50
C LEU B 81 -2.29 7.79 -13.34
N LEU B 82 -3.59 8.08 -13.31
CA LEU B 82 -4.07 9.47 -13.38
C LEU B 82 -4.00 10.19 -12.02
N ALA B 83 -4.38 9.48 -10.98
CA ALA B 83 -4.47 10.00 -9.62
C ALA B 83 -4.44 8.82 -8.69
N HIS B 84 -4.20 9.06 -7.40
CA HIS B 84 -4.34 8.01 -6.42
C HIS B 84 -4.81 8.56 -5.07
N ALA B 85 -5.43 7.71 -4.27
CA ALA B 85 -6.00 8.12 -3.00
C ALA B 85 -5.68 7.10 -1.93
N PHE B 86 -5.52 7.57 -0.70
CA PHE B 86 -5.30 6.73 0.46
C PHE B 86 -6.63 6.32 1.11
N PRO B 87 -6.80 5.03 1.44
CA PRO B 87 -7.96 4.55 2.18
C PRO B 87 -8.10 5.18 3.56
N PRO B 88 -9.30 5.07 4.17
CA PRO B 88 -9.47 5.57 5.53
C PRO B 88 -8.35 5.08 6.45
N GLY B 89 -7.93 5.95 7.35
CA GLY B 89 -6.76 5.70 8.17
C GLY B 89 -6.24 7.02 8.68
N PRO B 90 -5.14 6.96 9.47
CA PRO B 90 -4.54 8.14 10.06
C PRO B 90 -3.53 8.84 9.13
N ASN B 91 -3.30 10.12 9.40
CA ASN B 91 -2.31 10.93 8.68
C ASN B 91 -2.65 11.10 7.20
N TYR B 92 -1.95 10.40 6.29
CA TYR B 92 -2.24 10.49 4.84
C TYR B 92 -3.57 9.88 4.43
N GLY B 93 -4.17 9.05 5.28
CA GLY B 93 -5.47 8.42 5.03
C GLY B 93 -6.49 9.45 4.58
N GLY B 94 -7.18 9.14 3.48
CA GLY B 94 -8.17 10.03 2.88
C GLY B 94 -7.65 10.87 1.71
N ASP B 95 -6.38 11.24 1.75
CA ASP B 95 -5.82 12.16 0.78
C ASP B 95 -5.89 11.62 -0.65
N ALA B 96 -6.12 12.53 -1.59
CA ALA B 96 -6.16 12.25 -3.03
C ALA B 96 -5.11 13.12 -3.71
N HIS B 97 -4.32 12.48 -4.59
CA HIS B 97 -3.29 13.16 -5.36
C HIS B 97 -3.62 12.98 -6.83
N PHE B 98 -3.53 14.08 -7.56
CA PHE B 98 -3.84 14.11 -8.99
C PHE B 98 -2.58 14.47 -9.75
N ASP B 99 -2.32 13.74 -10.83
CA ASP B 99 -1.10 13.93 -11.61
C ASP B 99 -1.18 15.15 -12.49
N ASP B 100 -0.39 16.16 -12.17
CA ASP B 100 -0.49 17.42 -12.92
C ASP B 100 0.28 17.42 -14.24
N ASP B 101 0.80 16.26 -14.64
CA ASP B 101 1.30 16.04 -16.00
C ASP B 101 0.20 15.51 -16.91
N GLU B 102 -0.96 15.18 -16.34
CA GLU B 102 -2.17 14.95 -17.12
C GLU B 102 -2.91 16.28 -17.31
N THR B 103 -3.71 16.35 -18.38
CA THR B 103 -4.55 17.51 -18.70
C THR B 103 -5.95 17.32 -18.08
N TRP B 104 -6.34 18.26 -17.22
CA TRP B 104 -7.55 18.17 -16.43
C TRP B 104 -8.58 19.15 -16.96
N THR B 105 -9.83 18.72 -17.09
CA THR B 105 -10.89 19.57 -17.64
CA THR B 105 -10.88 19.58 -17.64
C THR B 105 -12.25 19.44 -16.95
N SER B 106 -13.12 20.38 -17.26
CA SER B 106 -14.52 20.38 -16.88
C SER B 106 -15.38 19.89 -18.05
N SER B 107 -14.76 19.24 -19.02
CA SER B 107 -15.43 18.77 -20.23
C SER B 107 -14.72 17.52 -20.73
N SER B 108 -14.63 17.37 -22.06
CA SER B 108 -13.98 16.22 -22.70
C SER B 108 -12.54 16.50 -23.16
N LYS B 109 -12.12 17.76 -23.17
CA LYS B 109 -10.79 18.12 -23.70
C LYS B 109 -9.67 17.72 -22.73
N GLY B 110 -9.55 16.42 -22.48
CA GLY B 110 -8.64 15.88 -21.47
C GLY B 110 -9.42 15.07 -20.45
N TYR B 111 -8.82 14.83 -19.29
CA TYR B 111 -9.46 14.03 -18.26
C TYR B 111 -10.39 14.88 -17.40
N ASN B 112 -11.63 14.43 -17.30
CA ASN B 112 -12.64 15.15 -16.54
C ASN B 112 -12.33 15.04 -15.06
N LEU B 113 -12.00 16.18 -14.43
CA LEU B 113 -11.62 16.17 -13.02
C LEU B 113 -12.74 15.67 -12.12
N PHE B 114 -13.96 16.14 -12.36
CA PHE B 114 -15.12 15.70 -11.56
C PHE B 114 -15.22 14.18 -11.50
N LEU B 115 -15.12 13.53 -12.65
CA LEU B 115 -15.23 12.08 -12.73
C LEU B 115 -14.09 11.38 -12.00
N VAL B 116 -12.86 11.73 -12.36
CA VAL B 116 -11.68 11.13 -11.75
C VAL B 116 -11.68 11.34 -10.23
N ALA B 117 -12.08 12.53 -9.80
CA ALA B 117 -12.14 12.84 -8.35
C ALA B 117 -13.24 12.03 -7.66
N ALA B 118 -14.39 11.92 -8.30
CA ALA B 118 -15.46 11.06 -7.80
C ALA B 118 -14.97 9.63 -7.60
N HIS B 119 -14.17 9.12 -8.55
CA HIS B 119 -13.57 7.78 -8.43
C HIS B 119 -12.63 7.69 -7.24
N GLU B 120 -11.77 8.70 -7.09
CA GLU B 120 -10.73 8.67 -6.08
C GLU B 120 -11.33 8.78 -4.69
N PHE B 121 -12.35 9.63 -4.54
CA PHE B 121 -12.97 9.79 -3.23
C PHE B 121 -13.66 8.51 -2.78
N GLY B 122 -14.10 7.70 -3.74
CA GLY B 122 -14.56 6.34 -3.44
C GLY B 122 -13.51 5.55 -2.67
N HIS B 123 -12.26 5.61 -3.15
CA HIS B 123 -11.11 5.02 -2.45
C HIS B 123 -10.91 5.68 -1.09
N SER B 124 -11.02 7.00 -1.04
CA SER B 124 -10.86 7.74 0.20
C SER B 124 -11.86 7.27 1.25
N LEU B 125 -13.01 6.76 0.82
CA LEU B 125 -14.09 6.35 1.74
C LEU B 125 -14.15 4.85 2.04
N GLY B 126 -13.33 4.06 1.35
CA GLY B 126 -13.16 2.62 1.64
C GLY B 126 -13.55 1.65 0.54
N LEU B 127 -13.76 2.16 -0.68
CA LEU B 127 -14.10 1.30 -1.81
C LEU B 127 -12.86 0.93 -2.59
N ASP B 128 -12.80 -0.32 -2.99
CA ASP B 128 -11.75 -0.81 -3.86
C ASP B 128 -12.32 -0.76 -5.25
N HIS B 129 -11.62 -1.37 -6.20
CA HIS B 129 -12.13 -1.41 -7.56
C HIS B 129 -13.22 -2.44 -7.72
N SER B 130 -14.23 -2.07 -8.50
CA SER B 130 -15.34 -2.96 -8.84
C SER B 130 -15.01 -3.74 -10.12
N LYS B 131 -15.72 -4.84 -10.35
CA LYS B 131 -15.59 -5.62 -11.59
C LYS B 131 -16.70 -5.30 -12.60
N ASP B 132 -17.65 -4.45 -12.18
CA ASP B 132 -18.73 -4.02 -13.05
C ASP B 132 -18.21 -2.93 -13.99
N PRO B 133 -18.28 -3.17 -15.32
CA PRO B 133 -17.74 -2.20 -16.26
C PRO B 133 -18.48 -0.86 -16.26
N GLY B 134 -19.71 -0.84 -15.75
CA GLY B 134 -20.50 0.39 -15.69
C GLY B 134 -20.36 1.15 -14.38
N ALA B 135 -19.61 0.58 -13.44
CA ALA B 135 -19.41 1.21 -12.13
C ALA B 135 -18.41 2.34 -12.22
N LEU B 136 -18.67 3.42 -11.50
CA LEU B 136 -17.69 4.49 -11.31
C LEU B 136 -16.36 3.96 -10.77
N MET B 137 -16.45 3.02 -9.83
CA MET B 137 -15.26 2.43 -9.21
C MET B 137 -14.58 1.37 -10.06
N PHE B 138 -15.01 1.22 -11.31
CA PHE B 138 -14.28 0.43 -12.31
C PHE B 138 -12.95 1.14 -12.60
N PRO B 139 -11.84 0.38 -12.65
CA PRO B 139 -10.50 0.99 -12.75
C PRO B 139 -10.21 1.85 -13.99
N ILE B 140 -11.02 1.76 -15.05
CA ILE B 140 -10.71 2.44 -16.31
C ILE B 140 -11.59 3.67 -16.57
N TYR B 141 -10.96 4.75 -17.04
CA TYR B 141 -11.64 6.01 -17.27
C TYR B 141 -12.46 6.00 -18.56
N THR B 142 -13.69 6.49 -18.47
CA THR B 142 -14.47 6.82 -19.65
C THR B 142 -15.24 8.11 -19.36
N TYR B 143 -15.47 8.89 -20.42
CA TYR B 143 -16.21 10.14 -20.29
C TYR B 143 -17.70 9.91 -20.40
N THR B 144 -18.39 10.01 -19.28
CA THR B 144 -19.84 9.86 -19.23
C THR B 144 -20.49 11.22 -19.43
N GLY B 145 -19.94 12.25 -18.79
CA GLY B 145 -20.50 13.59 -18.88
C GLY B 145 -20.07 14.51 -17.75
N LYS B 146 -20.68 15.69 -17.72
CA LYS B 146 -20.29 16.77 -16.81
C LYS B 146 -21.47 17.38 -16.04
N SER B 147 -22.69 16.92 -16.31
CA SER B 147 -23.90 17.55 -15.77
C SER B 147 -24.77 16.58 -14.97
N HIS B 148 -25.39 15.63 -15.67
CA HIS B 148 -26.41 14.76 -15.07
C HIS B 148 -25.88 13.38 -14.72
N PHE B 149 -24.64 13.33 -14.23
CA PHE B 149 -24.01 12.07 -13.88
C PHE B 149 -24.82 11.36 -12.81
N MET B 150 -25.10 10.07 -13.03
CA MET B 150 -25.87 9.28 -12.11
C MET B 150 -24.98 8.18 -11.56
N LEU B 151 -24.94 8.06 -10.23
CA LEU B 151 -24.09 7.08 -9.58
C LEU B 151 -24.69 5.70 -9.81
N PRO B 152 -23.96 4.82 -10.54
CA PRO B 152 -24.50 3.47 -10.78
C PRO B 152 -24.87 2.73 -9.48
N ASP B 153 -25.74 1.74 -9.61
CA ASP B 153 -26.25 0.96 -8.48
C ASP B 153 -25.15 0.21 -7.74
N ASP B 154 -24.17 -0.32 -8.47
CA ASP B 154 -23.07 -1.08 -7.86
C ASP B 154 -22.25 -0.24 -6.86
N ASP B 155 -21.93 0.98 -7.26
CA ASP B 155 -21.25 1.94 -6.39
C ASP B 155 -22.15 2.36 -5.22
N VAL B 156 -23.43 2.56 -5.52
CA VAL B 156 -24.42 2.85 -4.48
C VAL B 156 -24.46 1.72 -3.45
N GLN B 157 -24.58 0.48 -3.93
CA GLN B 157 -24.57 -0.68 -3.06
C GLN B 157 -23.28 -0.79 -2.26
N GLY B 158 -22.15 -0.58 -2.92
CA GLY B 158 -20.85 -0.62 -2.25
C GLY B 158 -20.73 0.36 -1.10
N ILE B 159 -20.91 1.65 -1.39
CA ILE B 159 -20.74 2.67 -0.36
C ILE B 159 -21.74 2.51 0.79
N GLN B 160 -22.96 2.11 0.46
CA GLN B 160 -23.97 1.86 1.49
C GLN B 160 -23.70 0.59 2.30
N SER B 161 -22.91 -0.34 1.74
CA SER B 161 -22.50 -1.50 2.52
C SER B 161 -21.68 -1.06 3.74
N LEU B 162 -20.89 0.01 3.56
CA LEU B 162 -20.08 0.57 4.63
C LEU B 162 -20.86 1.54 5.51
N TYR B 163 -21.50 2.52 4.88
CA TYR B 163 -22.10 3.65 5.61
C TYR B 163 -23.62 3.58 5.75
N GLY B 164 -24.27 2.72 4.96
CA GLY B 164 -25.73 2.68 4.93
C GLY B 164 -26.30 3.84 4.12
N PRO B 165 -27.63 3.85 3.92
CA PRO B 165 -28.27 4.84 3.07
C PRO B 165 -28.38 6.22 3.70
N GLY B 166 -28.79 7.20 2.90
CA GLY B 166 -29.01 8.57 3.39
C GLY B 166 -30.23 8.73 4.27
#